data_5D6Q
#
_entry.id   5D6Q
#
_cell.length_a   142.910
_cell.length_b   55.860
_cell.length_c   51.460
_cell.angle_alpha   90.000
_cell.angle_beta   100.620
_cell.angle_gamma   90.000
#
_symmetry.space_group_name_H-M   'C 1 2 1'
#
loop_
_entity.id
_entity.type
_entity.pdbx_description
1 polymer 'DNA gyrase subunit B'
2 non-polymer (4S)-2-METHYL-2,4-PENTANEDIOL
3 non-polymer 1-ethyl-3-{4-[(E)-2-(pyridin-3-yl)ethenyl]-5-(1H-pyrrol-2-yl)-1,3-thiazol-2-yl}urea
4 non-polymer 'MAGNESIUM ION'
5 water water
#
_entity_poly.entity_id   1
_entity_poly.type   'polypeptide(L)'
_entity_poly.pdbx_seq_one_letter_code
;GSVTALSDVNNTDNYGAGQIQVLEGLEAVRKRPGMYIGSTSERGLHHLVWEIVDNSIDEALAGYANQIEVVIEKDNWIKV
TDNGRGIPVDIQEKMGRPAVEVILTSSVVNALSQDLEVYVHRNETIYHQAYKKGVPQFDLKEVGTTDKTGTVIRFKADGE
IFTETTVYNYETLQQRIRELAFLNKGIQITLRDERDEENVREDSYHYEGGIK
;
_entity_poly.pdbx_strand_id   A,B
#
loop_
_chem_comp.id
_chem_comp.type
_chem_comp.name
_chem_comp.formula
57V non-polymer 1-ethyl-3-{4-[(E)-2-(pyridin-3-yl)ethenyl]-5-(1H-pyrrol-2-yl)-1,3-thiazol-2-yl}urea 'C17 H17 N5 O S'
MG non-polymer 'MAGNESIUM ION' 'Mg 2'
MPD non-polymer (4S)-2-METHYL-2,4-PENTANEDIOL 'C6 H14 O2'
#
# COMPACT_ATOMS: atom_id res chain seq x y z
N ALA A 17 0.60 6.09 4.16
CA ALA A 17 0.93 5.11 5.27
C ALA A 17 1.76 3.96 4.72
N GLY A 18 1.43 3.56 3.49
CA GLY A 18 2.23 2.61 2.75
C GLY A 18 3.68 3.06 2.52
N GLN A 19 3.88 4.23 1.92
CA GLN A 19 5.24 4.74 1.66
CA GLN A 19 5.20 4.79 1.66
C GLN A 19 5.96 5.22 2.95
N ILE A 20 5.22 5.73 3.94
CA ILE A 20 5.81 5.93 5.28
C ILE A 20 6.36 4.60 5.85
N GLN A 21 5.57 3.52 5.83
CA GLN A 21 6.00 2.24 6.35
CA GLN A 21 6.03 2.22 6.35
C GLN A 21 7.26 1.74 5.57
N VAL A 22 7.30 1.99 4.27
CA VAL A 22 8.53 1.74 3.45
C VAL A 22 9.76 2.37 4.07
N LEU A 23 9.69 3.70 4.25
CA LEU A 23 10.82 4.43 4.76
C LEU A 23 11.24 3.94 6.14
N GLU A 24 10.26 3.63 7.00
CA GLU A 24 10.59 3.10 8.31
C GLU A 24 11.32 1.71 8.21
N GLY A 25 10.93 0.91 7.23
CA GLY A 25 11.53 -0.41 7.02
C GLY A 25 12.96 -0.28 6.54
N LEU A 26 13.22 0.69 5.68
CA LEU A 26 14.61 0.95 5.24
C LEU A 26 15.49 1.38 6.40
N GLU A 27 15.01 2.31 7.25
CA GLU A 27 15.73 2.82 8.41
C GLU A 27 16.06 1.62 9.36
N ALA A 28 15.11 0.71 9.60
CA ALA A 28 15.29 -0.45 10.44
C ALA A 28 16.39 -1.34 9.95
N VAL A 29 16.34 -1.67 8.68
CA VAL A 29 17.37 -2.55 8.11
C VAL A 29 18.76 -1.91 8.18
N ARG A 30 18.89 -0.64 7.88
CA ARG A 30 20.19 -0.01 7.84
C ARG A 30 20.73 0.26 9.26
N LYS A 31 19.83 0.29 10.24
CA LYS A 31 20.26 0.46 11.63
C LYS A 31 20.80 -0.85 12.21
N ARG A 32 20.24 -2.01 11.82
CA ARG A 32 20.62 -3.32 12.40
C ARG A 32 20.81 -4.37 11.38
N PRO A 33 21.73 -4.09 10.40
CA PRO A 33 21.81 -4.98 9.29
C PRO A 33 22.15 -6.39 9.57
N GLY A 34 23.02 -6.60 10.59
CA GLY A 34 23.36 -7.97 10.93
C GLY A 34 22.21 -8.81 11.44
N MET A 35 21.17 -8.15 11.99
CA MET A 35 19.99 -8.86 12.43
CA MET A 35 20.01 -8.93 12.38
C MET A 35 19.24 -9.42 11.18
N TYR A 36 19.46 -8.79 10.01
CA TYR A 36 18.83 -9.22 8.78
C TYR A 36 19.57 -10.23 7.96
N ILE A 37 20.89 -10.06 7.84
CA ILE A 37 21.73 -10.92 6.98
C ILE A 37 22.88 -11.69 7.66
N GLY A 38 22.90 -11.66 8.99
CA GLY A 38 23.80 -12.41 9.76
C GLY A 38 24.98 -11.65 10.26
N SER A 39 25.55 -10.81 9.38
CA SER A 39 26.73 -10.06 9.67
C SER A 39 26.98 -9.08 8.57
N THR A 40 27.85 -8.12 8.83
CA THR A 40 28.28 -7.20 7.82
C THR A 40 29.70 -7.46 7.33
N SER A 41 30.20 -8.64 7.63
CA SER A 41 31.51 -9.14 7.25
C SER A 41 31.44 -9.62 5.79
N GLU A 42 32.54 -10.20 5.33
CA GLU A 42 32.53 -10.84 4.02
C GLU A 42 31.40 -11.83 3.83
N ARG A 43 31.02 -12.59 4.88
CA ARG A 43 29.90 -13.52 4.79
CA ARG A 43 29.91 -13.52 4.78
C ARG A 43 28.58 -12.80 4.47
N GLY A 44 28.32 -11.67 5.14
CA GLY A 44 27.09 -10.90 4.86
C GLY A 44 27.08 -10.34 3.46
N LEU A 45 28.24 -9.83 3.01
CA LEU A 45 28.37 -9.33 1.62
C LEU A 45 27.90 -10.37 0.66
N HIS A 46 28.42 -11.59 0.79
CA HIS A 46 28.01 -12.68 -0.12
C HIS A 46 26.51 -13.10 0.01
N HIS A 47 25.96 -12.92 1.19
CA HIS A 47 24.57 -13.23 1.41
C HIS A 47 23.66 -12.36 0.55
N LEU A 48 24.09 -11.10 0.23
CA LEU A 48 23.29 -10.30 -0.67
C LEU A 48 22.99 -11.04 -2.01
N VAL A 49 24.01 -11.70 -2.54
CA VAL A 49 23.91 -12.40 -3.79
C VAL A 49 22.90 -13.57 -3.65
N TRP A 50 23.04 -14.25 -2.55
CA TRP A 50 22.17 -15.41 -2.28
C TRP A 50 20.70 -14.99 -2.20
N GLU A 51 20.45 -13.83 -1.62
CA GLU A 51 19.07 -13.36 -1.46
C GLU A 51 18.42 -13.18 -2.85
N ILE A 52 19.16 -12.56 -3.79
CA ILE A 52 18.61 -12.38 -5.13
C ILE A 52 18.52 -13.69 -5.92
N VAL A 53 19.56 -14.54 -5.89
CA VAL A 53 19.57 -15.81 -6.59
C VAL A 53 18.42 -16.66 -6.07
N ASP A 54 18.16 -16.63 -4.76
CA ASP A 54 17.07 -17.46 -4.22
CA ASP A 54 17.12 -17.55 -4.31
C ASP A 54 15.72 -17.17 -4.87
N ASN A 55 15.48 -15.87 -5.07
CA ASN A 55 14.20 -15.40 -5.77
C ASN A 55 14.15 -15.95 -7.20
N SER A 56 15.29 -15.97 -7.91
CA SER A 56 15.28 -16.49 -9.24
C SER A 56 15.04 -18.01 -9.22
N ILE A 57 15.64 -18.71 -8.25
CA ILE A 57 15.41 -20.13 -8.13
CA ILE A 57 15.42 -20.14 -8.12
C ILE A 57 13.93 -20.44 -7.91
N ASP A 58 13.28 -19.65 -7.06
CA ASP A 58 11.81 -19.89 -6.77
C ASP A 58 11.00 -19.78 -8.03
N GLU A 59 11.36 -18.83 -8.89
CA GLU A 59 10.72 -18.65 -10.20
C GLU A 59 10.96 -19.86 -11.16
N ALA A 60 12.14 -20.49 -11.09
CA ALA A 60 12.36 -21.72 -11.84
C ALA A 60 11.57 -22.86 -11.27
N LEU A 61 11.55 -22.96 -9.98
CA LEU A 61 10.77 -24.07 -9.38
C LEU A 61 9.29 -23.89 -9.57
N ALA A 62 8.81 -22.69 -9.75
CA ALA A 62 7.40 -22.42 -10.14
C ALA A 62 7.09 -22.81 -11.58
N GLY A 63 8.10 -23.12 -12.42
CA GLY A 63 7.89 -23.56 -13.75
C GLY A 63 8.22 -22.54 -14.81
N TYR A 64 8.70 -21.37 -14.39
CA TYR A 64 8.77 -20.22 -15.28
C TYR A 64 10.13 -19.71 -15.80
N ALA A 65 11.24 -20.19 -15.23
CA ALA A 65 12.62 -19.83 -15.54
C ALA A 65 13.46 -21.12 -15.59
N ASN A 66 14.48 -21.06 -16.41
CA ASN A 66 15.46 -22.09 -16.44
C ASN A 66 16.87 -21.64 -16.64
N GLN A 67 17.12 -20.32 -16.60
CA GLN A 67 18.47 -19.84 -16.77
C GLN A 67 18.68 -18.65 -15.80
N ILE A 68 19.72 -18.77 -15.02
CA ILE A 68 20.14 -17.71 -14.05
C ILE A 68 21.59 -17.39 -14.37
N GLU A 69 21.91 -16.05 -14.44
CA GLU A 69 23.31 -15.63 -14.67
C GLU A 69 23.76 -14.64 -13.58
N VAL A 70 24.89 -14.93 -12.92
CA VAL A 70 25.49 -14.04 -11.91
C VAL A 70 26.74 -13.51 -12.51
N VAL A 71 26.90 -12.17 -12.55
CA VAL A 71 28.12 -11.50 -13.11
C VAL A 71 28.69 -10.60 -12.00
N ILE A 72 29.97 -10.81 -11.68
CA ILE A 72 30.72 -9.83 -10.92
C ILE A 72 31.28 -8.78 -11.90
N GLU A 73 30.72 -7.57 -11.84
CA GLU A 73 31.04 -6.51 -12.78
C GLU A 73 32.14 -5.64 -12.18
N LYS A 74 32.72 -4.82 -13.05
CA LYS A 74 33.68 -3.81 -12.57
C LYS A 74 33.22 -3.10 -11.30
N ASP A 75 34.16 -2.94 -10.42
CA ASP A 75 34.03 -2.27 -9.09
CA ASP A 75 34.01 -2.24 -9.10
C ASP A 75 33.06 -2.98 -8.22
N ASN A 76 32.96 -4.31 -8.44
CA ASN A 76 32.20 -5.15 -7.51
C ASN A 76 30.72 -4.81 -7.47
N TRP A 77 30.17 -4.40 -8.61
CA TRP A 77 28.75 -4.51 -8.82
C TRP A 77 28.46 -6.01 -9.05
N ILE A 78 27.27 -6.40 -8.70
CA ILE A 78 26.75 -7.75 -9.01
C ILE A 78 25.57 -7.59 -9.97
N LYS A 79 25.45 -8.38 -11.04
CA LYS A 79 24.24 -8.43 -11.87
C LYS A 79 23.68 -9.83 -11.83
N VAL A 80 22.40 -9.95 -11.51
CA VAL A 80 21.74 -11.26 -11.53
C VAL A 80 20.63 -11.14 -12.57
N THR A 81 20.62 -12.05 -13.54
CA THR A 81 19.62 -12.06 -14.60
C THR A 81 18.91 -13.45 -14.56
N ASP A 82 17.59 -13.47 -14.66
CA ASP A 82 16.86 -14.73 -14.90
C ASP A 82 15.91 -14.56 -16.12
N ASN A 83 15.46 -15.69 -16.67
CA ASN A 83 14.43 -15.71 -17.73
C ASN A 83 13.05 -16.15 -17.25
N GLY A 84 12.70 -15.68 -16.08
CA GLY A 84 11.40 -15.81 -15.49
C GLY A 84 10.32 -14.94 -16.11
N ARG A 85 9.23 -14.71 -15.39
CA ARG A 85 8.10 -14.00 -15.96
C ARG A 85 8.37 -12.48 -15.97
N GLY A 86 9.37 -12.03 -15.24
CA GLY A 86 9.49 -10.55 -14.96
C GLY A 86 8.72 -10.20 -13.68
N ILE A 87 9.32 -9.42 -12.81
CA ILE A 87 8.62 -8.93 -11.65
C ILE A 87 7.44 -8.08 -12.17
N PRO A 88 6.26 -8.29 -11.59
CA PRO A 88 5.13 -7.52 -12.12
C PRO A 88 5.25 -6.01 -11.94
N VAL A 89 4.57 -5.30 -12.84
CA VAL A 89 4.70 -3.80 -12.92
C VAL A 89 3.33 -3.08 -12.82
N ASP A 90 2.27 -3.86 -12.58
CA ASP A 90 0.92 -3.35 -12.45
C ASP A 90 0.81 -2.58 -11.15
N ILE A 91 -0.04 -1.56 -11.18
CA ILE A 91 -0.20 -0.63 -10.07
C ILE A 91 -0.98 -1.36 -9.02
N GLN A 92 -0.48 -1.27 -7.78
CA GLN A 92 -1.14 -1.87 -6.61
C GLN A 92 -2.22 -1.00 -6.00
N GLU A 93 -3.20 -1.67 -5.40
CA GLU A 93 -4.27 -0.99 -4.66
C GLU A 93 -3.65 -0.50 -3.34
N LYS A 94 -3.06 -1.47 -2.61
CA LYS A 94 -2.27 -1.27 -1.34
C LYS A 94 -1.37 0.00 -1.33
N MET A 95 -0.54 0.16 -2.37
CA MET A 95 0.44 1.25 -2.42
C MET A 95 0.12 2.38 -3.41
N GLY A 96 -0.68 2.11 -4.45
CA GLY A 96 -0.75 3.05 -5.59
C GLY A 96 0.58 3.08 -6.38
N ARG A 97 1.43 2.08 -6.22
CA ARG A 97 2.77 2.10 -6.84
C ARG A 97 2.89 0.82 -7.59
N PRO A 98 3.79 0.78 -8.59
CA PRO A 98 3.94 -0.40 -9.32
C PRO A 98 4.43 -1.56 -8.44
N ALA A 99 4.02 -2.78 -8.70
CA ALA A 99 4.36 -3.88 -7.83
C ALA A 99 5.85 -4.09 -7.73
N VAL A 100 6.61 -3.92 -8.82
CA VAL A 100 8.08 -4.08 -8.72
C VAL A 100 8.66 -3.09 -7.70
N GLU A 101 8.19 -1.85 -7.66
CA GLU A 101 8.65 -0.86 -6.72
C GLU A 101 8.37 -1.27 -5.30
N VAL A 102 7.18 -1.79 -5.03
CA VAL A 102 6.86 -2.26 -3.69
C VAL A 102 7.80 -3.38 -3.21
N ILE A 103 8.02 -4.39 -4.08
CA ILE A 103 8.90 -5.53 -3.88
C ILE A 103 10.35 -5.12 -3.63
N LEU A 104 10.83 -4.16 -4.45
CA LEU A 104 12.19 -3.78 -4.26
C LEU A 104 12.42 -2.76 -3.11
N THR A 105 11.47 -1.90 -2.81
CA THR A 105 11.60 -1.01 -1.61
C THR A 105 11.42 -1.72 -0.27
N SER A 106 10.96 -2.98 -0.29
CA SER A 106 10.99 -3.76 0.93
C SER A 106 12.12 -4.86 0.96
N SER A 107 13.07 -4.80 0.04
CA SER A 107 14.19 -5.68 -0.10
C SER A 107 15.36 -5.28 0.79
N VAL A 108 15.85 -6.24 1.56
CA VAL A 108 17.08 -6.07 2.35
C VAL A 108 18.29 -5.75 1.48
N VAL A 109 18.42 -6.38 0.33
CA VAL A 109 19.53 -6.14 -0.58
C VAL A 109 19.50 -4.71 -1.02
N ASN A 110 18.29 -4.25 -1.39
CA ASN A 110 18.16 -2.85 -1.81
C ASN A 110 18.51 -1.89 -0.74
N ALA A 111 18.02 -2.08 0.49
CA ALA A 111 18.33 -1.14 1.61
C ALA A 111 19.84 -1.04 1.94
N LEU A 112 20.53 -2.16 1.73
CA LEU A 112 21.98 -2.30 2.04
C LEU A 112 22.88 -2.10 0.81
N SER A 113 22.31 -1.58 -0.25
CA SER A 113 23.07 -1.25 -1.52
C SER A 113 23.16 0.27 -1.62
N GLN A 114 24.33 0.77 -1.94
CA GLN A 114 24.43 2.21 -2.26
C GLN A 114 23.67 2.59 -3.52
N ASP A 115 23.61 1.64 -4.46
CA ASP A 115 22.84 1.79 -5.70
C ASP A 115 22.31 0.40 -6.12
N LEU A 116 21.11 0.41 -6.69
CA LEU A 116 20.54 -0.82 -7.27
C LEU A 116 19.69 -0.39 -8.43
N GLU A 117 19.77 -1.20 -9.49
CA GLU A 117 18.93 -1.00 -10.65
C GLU A 117 18.14 -2.30 -10.99
N VAL A 118 16.91 -2.13 -11.52
CA VAL A 118 16.15 -3.27 -11.99
C VAL A 118 15.79 -2.96 -13.43
N TYR A 119 15.81 -4.01 -14.26
CA TYR A 119 15.19 -3.95 -15.58
C TYR A 119 14.27 -5.15 -15.65
N VAL A 120 13.00 -4.89 -15.95
CA VAL A 120 12.04 -6.01 -16.12
C VAL A 120 11.69 -6.11 -17.63
N HIS A 121 11.69 -7.34 -18.14
CA HIS A 121 11.23 -7.64 -19.47
C HIS A 121 9.89 -8.32 -19.32
N ARG A 122 8.80 -7.67 -19.73
CA ARG A 122 7.49 -8.23 -19.53
C ARG A 122 6.52 -7.44 -20.47
N ASN A 123 5.49 -8.07 -20.91
CA ASN A 123 4.44 -7.39 -21.72
C ASN A 123 5.15 -6.77 -22.98
N GLU A 124 6.22 -7.41 -23.53
CA GLU A 124 6.98 -6.96 -24.70
C GLU A 124 7.61 -5.59 -24.49
N THR A 125 7.82 -5.25 -23.25
CA THR A 125 8.28 -3.97 -22.82
C THR A 125 9.47 -4.16 -21.78
N ILE A 126 10.39 -3.19 -21.83
CA ILE A 126 11.49 -3.17 -20.83
C ILE A 126 11.17 -2.03 -19.91
N TYR A 127 11.12 -2.30 -18.59
CA TYR A 127 10.86 -1.31 -17.59
C TYR A 127 12.11 -1.17 -16.71
N HIS A 128 12.42 0.06 -16.29
CA HIS A 128 13.57 0.36 -15.45
C HIS A 128 13.27 1.26 -14.27
N GLN A 129 13.93 0.95 -13.15
CA GLN A 129 13.94 1.83 -12.00
C GLN A 129 15.26 1.67 -11.32
N ALA A 130 15.70 2.75 -10.68
CA ALA A 130 16.95 2.78 -9.92
C ALA A 130 16.68 3.32 -8.54
N TYR A 131 17.54 2.93 -7.60
CA TYR A 131 17.35 3.24 -6.20
C TYR A 131 18.73 3.51 -5.56
N LYS A 132 18.74 4.23 -4.40
CA LYS A 132 19.94 4.39 -3.56
C LYS A 132 19.60 4.18 -2.15
N LYS A 133 20.22 3.21 -1.49
CA LYS A 133 19.87 2.82 -0.11
C LYS A 133 18.37 2.52 -0.02
N GLY A 134 17.79 1.93 -1.06
CA GLY A 134 16.40 1.53 -1.08
C GLY A 134 15.40 2.57 -1.60
N VAL A 135 15.88 3.83 -1.73
CA VAL A 135 14.98 4.91 -2.09
C VAL A 135 14.90 5.04 -3.63
N PRO A 136 13.71 5.00 -4.21
CA PRO A 136 13.61 5.17 -5.68
C PRO A 136 14.08 6.50 -6.09
N GLN A 137 14.83 6.54 -7.15
CA GLN A 137 15.35 7.79 -7.69
C GLN A 137 14.49 8.42 -8.76
N PHE A 138 13.56 7.69 -9.30
CA PHE A 138 12.58 8.13 -10.31
C PHE A 138 11.51 7.08 -10.43
N ASP A 139 10.34 7.46 -10.96
CA ASP A 139 9.32 6.50 -11.18
C ASP A 139 9.68 5.46 -12.22
N LEU A 140 9.13 4.26 -12.04
CA LEU A 140 9.37 3.18 -12.99
C LEU A 140 9.09 3.67 -14.40
N LYS A 141 10.00 3.41 -15.32
CA LYS A 141 9.75 3.86 -16.68
C LYS A 141 9.97 2.82 -17.72
N GLU A 142 9.21 2.99 -18.79
CA GLU A 142 9.35 2.17 -19.97
C GLU A 142 10.52 2.67 -20.77
N VAL A 143 11.52 1.81 -21.08
CA VAL A 143 12.73 2.27 -21.79
C VAL A 143 12.96 1.61 -23.11
N GLY A 144 12.28 0.53 -23.41
CA GLY A 144 12.43 -0.17 -24.66
C GLY A 144 11.48 -1.32 -24.77
N THR A 145 11.68 -2.07 -25.80
CA THR A 145 10.82 -3.21 -26.13
C THR A 145 11.65 -4.49 -26.15
N THR A 146 10.90 -5.61 -26.08
CA THR A 146 11.51 -6.91 -25.98
C THR A 146 10.56 -8.02 -26.44
N ASP A 147 11.18 -9.11 -26.81
CA ASP A 147 10.44 -10.36 -27.09
C ASP A 147 10.76 -11.45 -26.10
N LYS A 148 11.39 -11.09 -24.97
CA LYS A 148 11.73 -12.01 -23.91
C LYS A 148 11.01 -11.61 -22.65
N THR A 149 11.05 -12.50 -21.71
CA THR A 149 10.64 -12.14 -20.34
C THR A 149 11.74 -12.47 -19.36
N GLY A 150 11.72 -11.75 -18.22
CA GLY A 150 12.70 -12.00 -17.17
C GLY A 150 13.09 -10.72 -16.46
N THR A 151 13.98 -10.87 -15.47
CA THR A 151 14.38 -9.77 -14.58
C THR A 151 15.87 -9.69 -14.52
N VAL A 152 16.37 -8.43 -14.61
CA VAL A 152 17.78 -8.14 -14.33
C VAL A 152 17.83 -7.24 -13.09
N ILE A 153 18.66 -7.62 -12.10
CA ILE A 153 18.98 -6.84 -10.87
CA ILE A 153 18.98 -6.77 -10.93
C ILE A 153 20.48 -6.57 -10.86
N ARG A 154 20.91 -5.30 -10.81
CA ARG A 154 22.32 -4.95 -10.66
C ARG A 154 22.42 -4.12 -9.35
N PHE A 155 23.39 -4.43 -8.49
CA PHE A 155 23.55 -3.71 -7.24
C PHE A 155 25.00 -3.54 -6.85
N LYS A 156 25.24 -2.42 -6.11
CA LYS A 156 26.54 -2.18 -5.50
C LYS A 156 26.35 -2.09 -4.00
N ALA A 157 27.02 -2.98 -3.29
CA ALA A 157 26.91 -3.10 -1.82
C ALA A 157 27.33 -1.82 -1.19
N ASP A 158 26.61 -1.38 -0.12
CA ASP A 158 26.94 -0.08 0.51
C ASP A 158 28.15 -0.23 1.45
N GLY A 159 29.28 0.40 1.12
CA GLY A 159 30.44 0.32 1.99
C GLY A 159 30.29 1.01 3.34
N GLU A 160 29.24 1.79 3.53
CA GLU A 160 28.84 2.32 4.90
C GLU A 160 28.30 1.22 5.77
N ILE A 161 27.80 0.14 5.20
CA ILE A 161 27.32 -1.07 5.94
C ILE A 161 28.40 -2.14 5.99
N PHE A 162 29.02 -2.45 4.84
CA PHE A 162 30.01 -3.53 4.71
C PHE A 162 31.35 -2.89 4.85
N THR A 163 31.72 -2.62 6.11
CA THR A 163 32.86 -1.74 6.40
C THR A 163 34.17 -2.50 6.35
N GLU A 164 34.14 -3.85 6.40
CA GLU A 164 35.37 -4.64 6.29
C GLU A 164 35.81 -4.79 4.85
N THR A 165 34.87 -5.23 3.99
CA THR A 165 35.22 -5.48 2.60
C THR A 165 33.93 -5.39 1.75
N THR A 166 34.05 -4.91 0.52
CA THR A 166 32.97 -4.96 -0.53
C THR A 166 33.44 -5.75 -1.73
N VAL A 167 34.52 -6.51 -1.60
CA VAL A 167 35.11 -7.30 -2.69
C VAL A 167 34.63 -8.74 -2.62
N TYR A 168 34.02 -9.20 -3.74
CA TYR A 168 33.51 -10.59 -3.71
C TYR A 168 34.66 -11.61 -3.96
N ASN A 169 34.43 -12.86 -3.57
CA ASN A 169 35.40 -13.92 -3.71
C ASN A 169 34.76 -14.88 -4.76
N TYR A 170 35.42 -15.04 -5.92
CA TYR A 170 34.86 -15.85 -7.01
C TYR A 170 34.63 -17.26 -6.56
N GLU A 171 35.58 -17.80 -5.83
CA GLU A 171 35.49 -19.22 -5.43
C GLU A 171 34.35 -19.43 -4.45
N THR A 172 34.07 -18.47 -3.57
CA THR A 172 32.90 -18.53 -2.68
C THR A 172 31.57 -18.57 -3.46
N LEU A 173 31.48 -17.73 -4.44
CA LEU A 173 30.28 -17.64 -5.31
C LEU A 173 30.19 -18.93 -6.13
N GLN A 174 31.32 -19.33 -6.71
CA GLN A 174 31.34 -20.54 -7.53
CA GLN A 174 31.37 -20.57 -7.53
C GLN A 174 30.88 -21.79 -6.79
N GLN A 175 31.37 -21.99 -5.54
CA GLN A 175 31.05 -23.22 -4.78
CA GLN A 175 31.07 -23.25 -4.90
C GLN A 175 29.56 -23.29 -4.54
N ARG A 176 28.99 -22.19 -4.17
CA ARG A 176 27.55 -22.24 -3.83
CA ARG A 176 27.54 -22.16 -3.82
C ARG A 176 26.68 -22.26 -5.09
N ILE A 177 27.10 -21.63 -6.17
CA ILE A 177 26.38 -21.70 -7.45
C ILE A 177 26.34 -23.17 -7.96
N ARG A 178 27.49 -23.83 -7.90
CA ARG A 178 27.58 -25.21 -8.34
C ARG A 178 26.62 -26.04 -7.49
N GLU A 179 26.67 -25.82 -6.17
CA GLU A 179 25.77 -26.59 -5.24
C GLU A 179 24.31 -26.33 -5.67
N LEU A 180 23.95 -25.09 -5.83
CA LEU A 180 22.55 -24.72 -6.28
C LEU A 180 22.10 -25.41 -7.57
N ALA A 181 22.96 -25.51 -8.57
CA ALA A 181 22.59 -26.12 -9.77
C ALA A 181 22.39 -27.67 -9.55
N PHE A 182 23.32 -28.27 -8.76
CA PHE A 182 23.19 -29.70 -8.47
C PHE A 182 21.90 -30.00 -7.72
N LEU A 183 21.55 -29.18 -6.81
CA LEU A 183 20.32 -29.34 -6.00
C LEU A 183 19.06 -29.06 -6.82
N ASN A 184 19.11 -28.12 -7.77
CA ASN A 184 17.90 -27.71 -8.58
C ASN A 184 18.14 -28.14 -10.00
N LYS A 185 18.02 -29.43 -10.29
CA LYS A 185 18.46 -29.94 -11.60
C LYS A 185 17.58 -29.38 -12.71
N GLY A 186 18.22 -29.13 -13.85
CA GLY A 186 17.52 -28.54 -14.99
C GLY A 186 17.72 -27.00 -15.08
N ILE A 187 18.15 -26.34 -14.02
CA ILE A 187 18.40 -24.90 -14.07
C ILE A 187 19.82 -24.70 -14.50
N GLN A 188 20.03 -23.88 -15.53
CA GLN A 188 21.39 -23.51 -15.94
CA GLN A 188 21.35 -23.47 -16.05
C GLN A 188 21.79 -22.29 -15.17
N ILE A 189 22.86 -22.42 -14.37
CA ILE A 189 23.30 -21.25 -13.60
C ILE A 189 24.77 -20.97 -14.04
N THR A 190 25.01 -19.70 -14.44
CA THR A 190 26.30 -19.27 -14.95
C THR A 190 26.86 -18.20 -14.02
N LEU A 191 28.12 -18.34 -13.69
CA LEU A 191 28.90 -17.30 -12.95
C LEU A 191 29.89 -16.72 -13.88
N ARG A 192 30.03 -15.39 -13.92
CA ARG A 192 31.09 -14.78 -14.75
C ARG A 192 31.77 -13.66 -13.96
N ASP A 193 33.10 -13.57 -14.04
CA ASP A 193 33.84 -12.44 -13.41
C ASP A 193 34.39 -11.54 -14.47
N GLU A 194 33.85 -10.33 -14.57
CA GLU A 194 34.27 -9.32 -15.53
C GLU A 194 35.08 -8.22 -14.87
N ARG A 195 35.52 -8.39 -13.61
CA ARG A 195 36.25 -7.32 -12.91
C ARG A 195 37.51 -6.92 -13.63
N ASP A 196 38.20 -7.91 -14.18
CA ASP A 196 39.44 -7.64 -14.99
C ASP A 196 39.08 -7.93 -16.45
N GLU A 197 38.91 -6.91 -17.24
CA GLU A 197 38.42 -7.05 -18.62
C GLU A 197 39.40 -7.83 -19.46
N GLU A 198 40.65 -7.88 -19.02
CA GLU A 198 41.64 -8.61 -19.80
C GLU A 198 41.62 -10.16 -19.56
N ASN A 199 41.05 -10.64 -18.43
CA ASN A 199 40.95 -12.07 -18.15
C ASN A 199 39.62 -12.30 -17.50
N VAL A 200 38.67 -12.73 -18.33
CA VAL A 200 37.27 -12.97 -17.90
C VAL A 200 37.12 -14.46 -17.68
N ARG A 201 36.58 -14.84 -16.54
CA ARG A 201 36.39 -16.22 -16.14
CA ARG A 201 36.41 -16.23 -16.17
C ARG A 201 34.91 -16.49 -16.15
N GLU A 202 34.49 -17.70 -16.57
CA GLU A 202 33.06 -18.04 -16.55
C GLU A 202 32.93 -19.55 -16.24
N ASP A 203 32.03 -19.88 -15.34
CA ASP A 203 31.72 -21.30 -15.04
C ASP A 203 30.24 -21.44 -15.25
N SER A 204 29.77 -22.51 -15.93
CA SER A 204 28.35 -22.66 -16.37
CA SER A 204 28.35 -22.66 -16.16
C SER A 204 27.90 -24.05 -15.86
N TYR A 205 26.90 -24.08 -15.01
CA TYR A 205 26.45 -25.37 -14.43
C TYR A 205 25.05 -25.71 -14.87
N HIS A 206 24.78 -27.00 -15.18
CA HIS A 206 23.48 -27.36 -15.71
C HIS A 206 23.46 -28.88 -15.53
N TYR A 207 22.79 -29.29 -14.49
CA TYR A 207 22.69 -30.75 -14.15
C TYR A 207 21.45 -31.39 -14.76
N GLU A 208 21.60 -32.57 -15.33
CA GLU A 208 20.56 -33.30 -16.09
C GLU A 208 20.00 -32.51 -17.27
N GLN B 21 -11.54 -3.24 -10.69
CA GLN B 21 -10.60 -2.30 -9.99
C GLN B 21 -11.25 -1.48 -8.84
N VAL B 22 -12.57 -1.27 -8.89
CA VAL B 22 -13.26 -0.70 -7.71
C VAL B 22 -13.41 -1.83 -6.69
N LEU B 23 -13.96 -2.96 -7.13
CA LEU B 23 -14.03 -4.18 -6.33
C LEU B 23 -12.67 -4.55 -5.64
N GLU B 24 -11.57 -4.38 -6.35
CA GLU B 24 -10.25 -4.70 -5.83
C GLU B 24 -9.76 -3.72 -4.78
N GLY B 25 -9.97 -2.42 -5.01
CA GLY B 25 -9.77 -1.36 -4.04
C GLY B 25 -10.53 -1.65 -2.73
N LEU B 26 -11.77 -2.11 -2.81
CA LEU B 26 -12.55 -2.44 -1.63
C LEU B 26 -11.91 -3.63 -0.89
N GLU B 27 -11.47 -4.62 -1.65
CA GLU B 27 -10.88 -5.82 -1.00
C GLU B 27 -9.51 -5.49 -0.40
N ALA B 28 -8.77 -4.57 -1.00
CA ALA B 28 -7.50 -4.10 -0.44
C ALA B 28 -7.64 -3.39 0.91
N VAL B 29 -8.66 -2.55 1.04
CA VAL B 29 -8.86 -1.81 2.29
C VAL B 29 -9.30 -2.81 3.36
N ARG B 30 -10.14 -3.75 2.99
CA ARG B 30 -10.63 -4.71 3.96
C ARG B 30 -9.54 -5.73 4.45
N LYS B 31 -8.55 -5.97 3.62
CA LYS B 31 -7.38 -6.85 3.99
C LYS B 31 -6.43 -6.12 4.88
N ARG B 32 -6.23 -4.82 4.69
CA ARG B 32 -5.29 -4.10 5.49
C ARG B 32 -5.91 -2.84 6.13
N PRO B 33 -6.94 -3.04 6.99
CA PRO B 33 -7.58 -1.80 7.48
C PRO B 33 -6.71 -0.86 8.25
N GLY B 34 -5.68 -1.36 8.97
CA GLY B 34 -4.86 -0.50 9.82
C GLY B 34 -4.03 0.48 9.08
N MET B 35 -3.74 0.15 7.83
CA MET B 35 -3.07 1.06 6.94
C MET B 35 -3.92 2.33 6.62
N TYR B 36 -5.24 2.21 6.66
CA TYR B 36 -6.14 3.32 6.25
C TYR B 36 -6.78 3.97 7.45
N ILE B 37 -7.03 3.22 8.53
CA ILE B 37 -7.65 3.80 9.73
C ILE B 37 -6.87 3.69 11.06
N GLY B 38 -5.62 3.27 10.95
CA GLY B 38 -4.76 3.12 12.12
C GLY B 38 -4.79 1.79 12.79
N SER B 39 -5.98 1.27 13.09
CA SER B 39 -6.13 0.02 13.79
C SER B 39 -7.56 -0.47 13.68
N THR B 40 -7.78 -1.75 14.03
CA THR B 40 -9.11 -2.31 14.18
C THR B 40 -9.76 -2.37 15.60
N SER B 41 -9.10 -1.73 16.54
CA SER B 41 -9.49 -1.67 17.93
C SER B 41 -10.50 -0.51 18.08
N GLU B 42 -10.91 -0.23 19.28
CA GLU B 42 -11.91 0.84 19.56
C GLU B 42 -11.48 2.16 18.97
N ARG B 43 -10.22 2.45 18.93
CA ARG B 43 -9.68 3.66 18.34
C ARG B 43 -9.98 3.73 16.80
N GLY B 44 -9.83 2.61 16.12
CA GLY B 44 -10.18 2.50 14.69
C GLY B 44 -11.67 2.65 14.47
N LEU B 45 -12.47 2.01 15.29
CA LEU B 45 -13.92 2.13 15.16
C LEU B 45 -14.32 3.66 15.20
N HIS B 46 -13.81 4.39 16.15
CA HIS B 46 -14.09 5.84 16.28
C HIS B 46 -13.56 6.65 15.13
N HIS B 47 -12.49 6.16 14.51
CA HIS B 47 -11.84 6.88 13.41
C HIS B 47 -12.78 6.89 12.16
N LEU B 48 -13.63 5.87 12.04
CA LEU B 48 -14.68 5.85 10.96
C LEU B 48 -15.55 7.11 11.05
N VAL B 49 -15.99 7.47 12.28
CA VAL B 49 -16.70 8.70 12.52
C VAL B 49 -15.92 9.89 12.06
N TRP B 50 -14.64 9.98 12.36
CA TRP B 50 -13.87 11.17 12.01
C TRP B 50 -13.68 11.28 10.52
N GLU B 51 -13.62 10.16 9.81
CA GLU B 51 -13.45 10.23 8.35
C GLU B 51 -14.69 10.86 7.70
N ILE B 52 -15.87 10.52 8.19
CA ILE B 52 -17.09 11.06 7.55
C ILE B 52 -17.30 12.50 8.03
N VAL B 53 -17.08 12.78 9.33
CA VAL B 53 -17.17 14.14 9.82
C VAL B 53 -16.23 15.09 9.15
N ASP B 54 -15.03 14.59 8.80
CA ASP B 54 -14.06 15.43 8.10
CA ASP B 54 -14.08 15.44 8.13
C ASP B 54 -14.61 15.98 6.77
N ASN B 55 -15.43 15.21 6.08
CA ASN B 55 -16.07 15.67 4.84
C ASN B 55 -16.98 16.88 5.11
N SER B 56 -17.74 16.82 6.21
CA SER B 56 -18.62 17.87 6.58
C SER B 56 -17.82 19.14 7.00
N ILE B 57 -16.69 18.90 7.75
CA ILE B 57 -15.84 20.04 8.11
C ILE B 57 -15.24 20.66 6.85
N ASP B 58 -14.81 19.83 5.93
CA ASP B 58 -14.33 20.41 4.67
C ASP B 58 -15.36 21.27 3.93
N GLU B 59 -16.63 20.88 4.00
CA GLU B 59 -17.69 21.67 3.44
C GLU B 59 -17.93 22.99 4.17
N ALA B 60 -17.73 22.99 5.51
CA ALA B 60 -17.71 24.17 6.29
C ALA B 60 -16.57 25.06 5.92
N LEU B 61 -15.37 24.48 5.81
CA LEU B 61 -14.19 25.26 5.44
C LEU B 61 -14.32 25.90 4.05
N ALA B 62 -15.01 25.25 3.14
CA ALA B 62 -15.32 25.78 1.80
C ALA B 62 -16.37 26.89 1.82
N GLY B 63 -17.07 27.08 2.90
CA GLY B 63 -18.03 28.13 3.09
C GLY B 63 -19.49 27.76 2.89
N TYR B 64 -19.79 26.45 2.76
CA TYR B 64 -21.13 26.04 2.31
C TYR B 64 -21.95 25.34 3.40
N ALA B 65 -21.33 24.84 4.46
CA ALA B 65 -22.06 24.21 5.53
C ALA B 65 -21.83 25.00 6.84
N ASN B 66 -22.85 25.05 7.68
CA ASN B 66 -22.66 25.62 9.00
C ASN B 66 -23.36 24.91 10.15
N GLN B 67 -23.86 23.70 9.81
CA GLN B 67 -24.45 22.83 10.83
C GLN B 67 -24.14 21.37 10.50
N ILE B 68 -23.59 20.68 11.51
CA ILE B 68 -23.19 19.27 11.38
C ILE B 68 -23.88 18.61 12.58
N GLU B 69 -24.39 17.38 12.33
CA GLU B 69 -24.98 16.56 13.40
C GLU B 69 -24.46 15.11 13.29
N VAL B 70 -24.00 14.57 14.40
CA VAL B 70 -23.58 13.19 14.55
C VAL B 70 -24.55 12.52 15.49
N VAL B 71 -25.10 11.40 15.07
CA VAL B 71 -26.05 10.64 15.94
C VAL B 71 -25.57 9.23 16.06
N ILE B 72 -25.46 8.76 17.29
CA ILE B 72 -25.21 7.33 17.49
C ILE B 72 -26.61 6.73 17.59
N GLU B 73 -26.91 5.85 16.62
CA GLU B 73 -28.24 5.32 16.46
C GLU B 73 -28.31 3.87 16.98
N LYS B 74 -29.54 3.38 17.13
CA LYS B 74 -29.83 1.99 17.46
C LYS B 74 -28.86 1.05 16.73
N ASP B 75 -28.33 0.05 17.46
CA ASP B 75 -27.40 -0.97 16.92
C ASP B 75 -26.09 -0.39 16.46
N ASN B 76 -25.73 0.78 17.01
CA ASN B 76 -24.45 1.41 16.76
C ASN B 76 -24.25 1.70 15.29
N TRP B 77 -25.31 2.07 14.63
CA TRP B 77 -25.15 2.85 13.41
C TRP B 77 -24.71 4.26 13.83
N ILE B 78 -24.00 4.92 12.94
CA ILE B 78 -23.66 6.36 13.04
C ILE B 78 -24.37 7.05 11.91
N LYS B 79 -24.96 8.26 12.19
CA LYS B 79 -25.54 9.06 11.09
C LYS B 79 -24.86 10.41 11.20
N VAL B 80 -24.30 10.88 10.12
CA VAL B 80 -23.74 12.26 10.07
C VAL B 80 -24.55 12.99 8.98
N THR B 81 -24.91 14.24 9.33
CA THR B 81 -25.68 15.09 8.44
C THR B 81 -24.97 16.47 8.43
N ASP B 82 -24.91 17.05 7.26
CA ASP B 82 -24.52 18.48 7.20
C ASP B 82 -25.51 19.22 6.23
N ASN B 83 -25.41 20.59 6.24
CA ASN B 83 -26.25 21.38 5.37
C ASN B 83 -25.36 22.05 4.33
N GLY B 84 -24.40 21.28 3.81
CA GLY B 84 -23.64 21.70 2.68
C GLY B 84 -24.31 21.60 1.34
N ARG B 85 -23.52 21.53 0.26
CA ARG B 85 -24.14 21.52 -1.09
C ARG B 85 -24.81 20.20 -1.43
N GLY B 86 -24.38 19.14 -0.86
CA GLY B 86 -24.81 17.75 -1.23
C GLY B 86 -23.79 17.20 -2.23
N ILE B 87 -23.41 15.93 -2.04
CA ILE B 87 -22.40 15.29 -2.88
C ILE B 87 -22.98 15.28 -4.32
N PRO B 88 -22.17 15.63 -5.37
CA PRO B 88 -22.81 15.66 -6.65
C PRO B 88 -23.34 14.29 -7.14
N VAL B 89 -24.32 14.34 -8.04
CA VAL B 89 -24.94 13.13 -8.54
C VAL B 89 -24.88 12.96 -10.06
N ASP B 90 -24.25 13.93 -10.72
CA ASP B 90 -24.10 13.86 -12.15
C ASP B 90 -23.30 12.66 -12.60
N ILE B 91 -23.61 12.20 -13.81
CA ILE B 91 -23.06 10.97 -14.38
C ILE B 91 -21.71 11.31 -14.95
N GLN B 92 -20.72 10.52 -14.52
CA GLN B 92 -19.31 10.61 -14.99
C GLN B 92 -19.10 9.90 -16.31
N GLY B 96 -19.17 6.34 -16.24
CA GLY B 96 -20.52 5.87 -16.58
C GLY B 96 -21.47 5.77 -15.38
N ARG B 97 -21.07 6.34 -14.25
CA ARG B 97 -21.89 6.19 -12.96
C ARG B 97 -22.04 7.55 -12.31
N PRO B 98 -23.06 7.73 -11.42
CA PRO B 98 -23.16 9.02 -10.72
C PRO B 98 -21.97 9.28 -9.82
N ALA B 99 -21.56 10.55 -9.76
CA ALA B 99 -20.44 10.94 -8.94
C ALA B 99 -20.49 10.44 -7.54
N VAL B 100 -21.64 10.59 -6.85
CA VAL B 100 -21.67 10.09 -5.47
C VAL B 100 -21.39 8.57 -5.39
N GLU B 101 -21.82 7.76 -6.34
CA GLU B 101 -21.52 6.37 -6.31
C GLU B 101 -20.01 6.15 -6.48
N VAL B 102 -19.35 6.86 -7.45
CA VAL B 102 -17.89 6.74 -7.62
C VAL B 102 -17.13 7.12 -6.33
N ILE B 103 -17.56 8.21 -5.70
CA ILE B 103 -16.97 8.68 -4.44
C ILE B 103 -17.19 7.65 -3.34
N LEU B 104 -18.41 7.17 -3.12
CA LEU B 104 -18.68 6.30 -1.97
C LEU B 104 -18.07 4.91 -2.17
N THR B 105 -17.89 4.46 -3.41
CA THR B 105 -17.33 3.12 -3.66
C THR B 105 -15.80 3.15 -3.53
N SER B 106 -15.25 4.36 -3.37
CA SER B 106 -13.81 4.59 -3.08
CA SER B 106 -13.80 4.53 -3.08
C SER B 106 -13.57 4.94 -1.61
N SER B 107 -14.63 4.89 -0.80
CA SER B 107 -14.52 5.27 0.58
C SER B 107 -14.08 4.10 1.50
N VAL B 108 -13.10 4.40 2.34
CA VAL B 108 -12.61 3.48 3.37
C VAL B 108 -13.70 3.12 4.37
N VAL B 109 -14.48 4.10 4.81
CA VAL B 109 -15.55 3.82 5.73
C VAL B 109 -16.53 2.88 5.12
N ASN B 110 -16.93 3.11 3.84
CA ASN B 110 -17.86 2.19 3.23
C ASN B 110 -17.32 0.78 3.14
N ALA B 111 -16.04 0.65 2.72
CA ALA B 111 -15.36 -0.68 2.60
C ALA B 111 -15.40 -1.46 3.95
N LEU B 112 -15.31 -0.72 5.04
CA LEU B 112 -15.23 -1.26 6.44
C LEU B 112 -16.57 -1.27 7.16
N SER B 113 -17.66 -0.98 6.45
CA SER B 113 -18.99 -1.02 6.99
C SER B 113 -19.76 -2.16 6.43
N GLN B 114 -20.47 -2.94 7.26
CA GLN B 114 -21.34 -3.95 6.78
C GLN B 114 -22.51 -3.36 5.92
N ASP B 115 -22.97 -2.14 6.28
CA ASP B 115 -24.06 -1.44 5.59
C ASP B 115 -23.78 0.08 5.68
N LEU B 116 -24.04 0.74 4.56
CA LEU B 116 -23.94 2.21 4.53
C LEU B 116 -25.03 2.71 3.61
N GLU B 117 -25.61 3.86 4.01
CA GLU B 117 -26.67 4.51 3.23
C GLU B 117 -26.26 6.00 3.03
N VAL B 118 -26.63 6.52 1.83
CA VAL B 118 -26.43 7.96 1.63
C VAL B 118 -27.81 8.56 1.19
N TYR B 119 -28.06 9.78 1.64
CA TYR B 119 -29.17 10.56 1.14
C TYR B 119 -28.61 11.92 0.81
N VAL B 120 -28.69 12.25 -0.46
CA VAL B 120 -28.20 13.56 -0.90
C VAL B 120 -29.43 14.44 -1.10
N HIS B 121 -29.37 15.69 -0.62
CA HIS B 121 -30.43 16.69 -0.87
C HIS B 121 -29.74 17.74 -1.78
N ARG B 122 -30.16 17.78 -3.06
CA ARG B 122 -29.60 18.64 -4.04
C ARG B 122 -30.61 18.76 -5.19
N ASN B 123 -30.55 19.86 -5.90
CA ASN B 123 -31.45 19.97 -7.11
CA ASN B 123 -31.49 20.17 -7.01
C ASN B 123 -32.95 19.82 -6.67
N GLU B 124 -33.30 20.20 -5.45
CA GLU B 124 -34.67 20.09 -4.91
CA GLU B 124 -34.69 20.08 -4.91
C GLU B 124 -35.15 18.61 -4.88
N THR B 125 -34.17 17.71 -4.88
CA THR B 125 -34.45 16.24 -4.98
C THR B 125 -33.67 15.58 -3.82
N ILE B 126 -34.21 14.43 -3.37
CA ILE B 126 -33.51 13.57 -2.40
C ILE B 126 -33.10 12.32 -3.18
N TYR B 127 -31.82 12.04 -3.20
CA TYR B 127 -31.21 10.89 -3.91
C TYR B 127 -30.71 9.92 -2.86
N HIS B 128 -30.94 8.62 -3.09
CA HIS B 128 -30.56 7.59 -2.14
C HIS B 128 -29.84 6.42 -2.80
N GLN B 129 -28.81 5.95 -2.14
CA GLN B 129 -28.15 4.68 -2.50
C GLN B 129 -27.64 4.00 -1.21
N ALA B 130 -27.71 2.66 -1.26
CA ALA B 130 -27.21 1.82 -0.16
C ALA B 130 -26.13 0.84 -0.65
N TYR B 131 -25.24 0.44 0.25
CA TYR B 131 -24.05 -0.34 -0.04
C TYR B 131 -23.93 -1.36 1.08
N LYS B 132 -23.20 -2.44 0.76
CA LYS B 132 -22.71 -3.46 1.74
C LYS B 132 -21.27 -3.75 1.44
N LYS B 133 -20.41 -3.49 2.42
CA LYS B 133 -18.97 -3.67 2.33
C LYS B 133 -18.49 -2.92 1.12
N GLY B 134 -19.18 -1.77 0.84
CA GLY B 134 -18.78 -0.94 -0.26
C GLY B 134 -19.46 -1.20 -1.60
N VAL B 135 -20.14 -2.33 -1.70
CA VAL B 135 -20.73 -2.74 -2.96
C VAL B 135 -22.12 -2.09 -3.02
N PRO B 136 -22.42 -1.30 -4.09
CA PRO B 136 -23.80 -0.77 -4.24
C PRO B 136 -24.86 -1.88 -4.31
N GLN B 137 -25.95 -1.75 -3.61
CA GLN B 137 -27.02 -2.71 -3.61
C GLN B 137 -28.11 -2.44 -4.71
N PHE B 138 -28.15 -1.21 -5.20
CA PHE B 138 -29.10 -0.77 -6.20
C PHE B 138 -28.57 0.58 -6.78
N ASP B 139 -29.12 0.98 -7.91
CA ASP B 139 -28.63 2.24 -8.54
C ASP B 139 -29.13 3.43 -7.71
N LEU B 140 -28.40 4.53 -7.71
CA LEU B 140 -28.86 5.77 -7.07
C LEU B 140 -30.25 6.07 -7.57
N LYS B 141 -31.15 6.47 -6.70
CA LYS B 141 -32.51 6.74 -7.15
C LYS B 141 -33.09 7.95 -6.41
N GLU B 142 -34.08 8.57 -7.02
CA GLU B 142 -34.82 9.69 -6.44
C GLU B 142 -35.87 9.11 -5.49
N VAL B 143 -35.86 9.63 -4.27
CA VAL B 143 -36.80 9.13 -3.23
C VAL B 143 -37.59 10.27 -2.60
N GLY B 144 -37.55 11.45 -3.16
CA GLY B 144 -38.35 12.59 -2.59
C GLY B 144 -37.93 13.96 -3.13
N THR B 145 -38.64 14.94 -2.64
CA THR B 145 -38.47 16.34 -2.98
C THR B 145 -38.04 17.10 -1.75
N THR B 146 -37.21 18.14 -1.92
CA THR B 146 -36.72 18.84 -0.73
C THR B 146 -36.47 20.30 -1.11
N ASP B 147 -36.49 21.17 -0.10
CA ASP B 147 -36.07 22.59 -0.27
C ASP B 147 -34.81 22.89 0.50
N LYS B 148 -34.05 21.83 0.86
CA LYS B 148 -32.82 21.94 1.63
C LYS B 148 -31.73 21.40 0.77
N THR B 149 -30.48 21.66 1.18
CA THR B 149 -29.32 21.04 0.52
C THR B 149 -28.45 20.46 1.64
N GLY B 150 -27.76 19.39 1.26
CA GLY B 150 -26.76 18.76 2.16
C GLY B 150 -26.77 17.24 2.02
N THR B 151 -25.98 16.61 2.89
CA THR B 151 -25.80 15.14 2.79
C THR B 151 -26.10 14.52 4.11
N VAL B 152 -26.66 13.28 4.01
CA VAL B 152 -26.75 12.40 5.18
C VAL B 152 -26.00 11.08 4.81
N ILE B 153 -25.09 10.65 5.69
CA ILE B 153 -24.37 9.37 5.57
CA ILE B 153 -24.51 9.34 5.54
C ILE B 153 -24.71 8.60 6.84
N ARG B 154 -25.24 7.36 6.74
CA ARG B 154 -25.50 6.45 7.89
CA ARG B 154 -25.30 6.55 7.95
C ARG B 154 -24.69 5.15 7.63
N PHE B 155 -23.91 4.66 8.61
CA PHE B 155 -23.13 3.44 8.41
C PHE B 155 -23.08 2.61 9.70
N LYS B 156 -23.05 1.27 9.43
CA LYS B 156 -22.83 0.32 10.51
C LYS B 156 -21.49 -0.39 10.25
N ALA B 157 -20.57 -0.23 11.18
CA ALA B 157 -19.25 -0.79 11.16
C ALA B 157 -19.32 -2.30 11.04
N ASP B 158 -18.42 -2.87 10.23
CA ASP B 158 -18.39 -4.32 10.01
C ASP B 158 -17.71 -5.08 11.20
N GLY B 159 -18.54 -5.86 11.87
CA GLY B 159 -18.10 -6.58 13.06
C GLY B 159 -17.08 -7.68 12.76
N GLU B 160 -16.99 -8.07 11.48
CA GLU B 160 -15.96 -8.98 11.06
C GLU B 160 -14.59 -8.36 10.99
N ILE B 161 -14.53 -7.03 10.85
CA ILE B 161 -13.35 -6.25 10.86
C ILE B 161 -13.04 -5.77 12.30
N PHE B 162 -14.04 -5.17 12.94
CA PHE B 162 -13.92 -4.60 14.31
C PHE B 162 -14.39 -5.63 15.33
N THR B 163 -13.47 -6.57 15.62
CA THR B 163 -13.82 -7.77 16.39
C THR B 163 -13.75 -7.49 17.91
N GLU B 164 -12.95 -6.49 18.29
CA GLU B 164 -12.82 -6.13 19.74
C GLU B 164 -14.12 -5.48 20.22
N THR B 165 -14.55 -4.42 19.52
CA THR B 165 -15.81 -3.78 19.87
C THR B 165 -16.42 -3.04 18.66
N THR B 166 -17.75 -3.04 18.65
CA THR B 166 -18.50 -2.17 17.71
C THR B 166 -19.34 -1.13 18.43
N VAL B 167 -19.13 -0.96 19.72
CA VAL B 167 -19.92 -0.03 20.57
C VAL B 167 -19.13 1.27 20.68
N TYR B 168 -19.76 2.37 20.34
CA TYR B 168 -19.12 3.70 20.43
C TYR B 168 -19.17 4.21 21.87
N ASN B 169 -18.27 5.11 22.19
CA ASN B 169 -18.17 5.70 23.49
C ASN B 169 -18.55 7.19 23.33
N TYR B 170 -19.62 7.63 23.99
CA TYR B 170 -20.13 8.97 23.81
C TYR B 170 -19.11 10.00 24.20
N GLU B 171 -18.38 9.77 25.34
CA GLU B 171 -17.45 10.79 25.78
C GLU B 171 -16.30 10.92 24.83
N THR B 172 -15.90 9.83 24.21
CA THR B 172 -14.87 9.92 23.15
C THR B 172 -15.30 10.82 21.99
N LEU B 173 -16.57 10.63 21.54
CA LEU B 173 -17.07 11.43 20.42
C LEU B 173 -17.23 12.87 20.90
N GLN B 174 -17.77 13.04 22.10
CA GLN B 174 -17.98 14.35 22.65
C GLN B 174 -16.76 15.24 22.69
N GLN B 175 -15.65 14.67 23.16
CA GLN B 175 -14.48 15.45 23.34
C GLN B 175 -13.91 15.92 22.02
N ARG B 176 -13.94 15.10 20.98
CA ARG B 176 -13.43 15.46 19.66
CA ARG B 176 -13.37 15.54 19.73
C ARG B 176 -14.33 16.50 18.99
N ILE B 177 -15.64 16.30 19.13
CA ILE B 177 -16.63 17.21 18.54
C ILE B 177 -16.51 18.63 19.11
N ARG B 178 -16.31 18.70 20.43
CA ARG B 178 -16.07 20.00 21.06
CA ARG B 178 -16.06 20.02 21.05
C ARG B 178 -14.78 20.66 20.50
N GLU B 179 -13.71 19.86 20.36
CA GLU B 179 -12.46 20.36 19.72
C GLU B 179 -12.72 20.85 18.31
N LEU B 180 -13.46 20.06 17.54
CA LEU B 180 -13.76 20.47 16.17
C LEU B 180 -14.54 21.78 16.09
N ALA B 181 -15.50 21.97 17.00
CA ALA B 181 -16.29 23.11 16.98
C ALA B 181 -15.44 24.35 17.38
N PHE B 182 -14.51 24.14 18.35
CA PHE B 182 -13.67 25.29 18.77
C PHE B 182 -12.65 25.68 17.67
N LEU B 183 -12.25 24.70 16.90
CA LEU B 183 -11.35 24.95 15.71
C LEU B 183 -12.14 25.64 14.55
N ASN B 184 -13.47 25.44 14.45
CA ASN B 184 -14.32 25.87 13.38
C ASN B 184 -15.41 26.77 13.92
N LYS B 185 -14.99 27.98 14.29
CA LYS B 185 -15.88 28.94 14.93
C LYS B 185 -17.07 29.20 14.06
N GLY B 186 -18.24 29.31 14.68
CA GLY B 186 -19.42 29.64 13.90
C GLY B 186 -20.15 28.43 13.25
N ILE B 187 -19.56 27.27 13.39
CA ILE B 187 -20.17 26.01 12.87
C ILE B 187 -20.79 25.33 14.05
N GLN B 188 -22.06 25.00 13.95
CA GLN B 188 -22.76 24.30 15.05
C GLN B 188 -22.62 22.78 14.85
N ILE B 189 -22.04 22.11 15.85
CA ILE B 189 -21.84 20.63 15.77
C ILE B 189 -22.64 20.09 16.93
N THR B 190 -23.49 19.12 16.59
CA THR B 190 -24.37 18.49 17.58
C THR B 190 -24.07 16.97 17.58
N LEU B 191 -23.93 16.43 18.80
CA LEU B 191 -23.85 14.98 19.03
C LEU B 191 -25.05 14.49 19.76
N ARG B 192 -25.60 13.37 19.37
CA ARG B 192 -26.74 12.82 20.04
C ARG B 192 -26.65 11.31 20.11
N ASP B 193 -26.97 10.77 21.28
CA ASP B 193 -27.08 9.28 21.52
C ASP B 193 -28.51 8.88 21.55
N GLU B 194 -28.95 8.05 20.62
CA GLU B 194 -30.31 7.56 20.56
C GLU B 194 -30.32 6.05 20.80
N ARG B 195 -29.24 5.46 21.27
CA ARG B 195 -29.23 3.99 21.45
C ARG B 195 -30.13 3.56 22.57
N ASP B 196 -30.29 4.41 23.58
CA ASP B 196 -31.24 4.12 24.72
C ASP B 196 -32.43 5.03 24.42
N GLU B 197 -33.41 4.46 23.77
CA GLU B 197 -34.50 5.27 23.18
C GLU B 197 -35.33 6.02 24.23
N GLU B 198 -35.39 5.48 25.43
CA GLU B 198 -36.10 6.11 26.54
C GLU B 198 -35.26 7.23 27.21
N ASN B 199 -33.94 7.32 26.89
CA ASN B 199 -33.06 8.21 27.60
C ASN B 199 -32.05 8.78 26.58
N VAL B 200 -32.44 9.85 25.92
CA VAL B 200 -31.68 10.38 24.78
C VAL B 200 -30.87 11.55 25.26
N ARG B 201 -29.62 11.57 24.91
CA ARG B 201 -28.66 12.58 25.35
C ARG B 201 -28.15 13.35 24.17
N GLU B 202 -28.01 14.67 24.33
CA GLU B 202 -27.44 15.47 23.26
C GLU B 202 -26.59 16.60 23.79
N ASP B 203 -25.51 16.90 23.11
CA ASP B 203 -24.71 18.12 23.36
C ASP B 203 -24.54 18.85 22.06
N SER B 204 -24.65 20.19 22.07
CA SER B 204 -24.50 20.94 20.86
C SER B 204 -23.54 22.07 21.12
N TYR B 205 -22.53 22.19 20.25
CA TYR B 205 -21.43 23.14 20.40
C TYR B 205 -21.44 24.18 19.34
N HIS B 206 -21.24 25.49 19.69
CA HIS B 206 -21.30 26.53 18.64
C HIS B 206 -20.49 27.70 19.19
N TYR B 207 -19.23 27.75 18.87
CA TYR B 207 -18.35 28.83 19.43
C TYR B 207 -18.47 30.06 18.57
N GLU B 208 -18.55 31.22 19.20
CA GLU B 208 -18.80 32.47 18.46
C GLU B 208 -17.52 32.80 17.70
N GLY B 209 -17.68 33.07 16.40
CA GLY B 209 -16.59 33.55 15.51
C GLY B 209 -16.95 33.40 14.04
C1 MPD C . 15.54 -10.97 -21.29
C2 MPD C . 16.47 -11.32 -20.16
O2 MPD C . 16.03 -12.59 -19.70
CM MPD C . 16.19 -10.45 -18.98
C3 MPD C . 17.92 -11.51 -20.62
C4 MPD C . 18.78 -10.41 -21.28
O4 MPD C . 18.17 -9.96 -22.50
C5 MPD C . 19.09 -9.15 -20.42
C1 MPD D . 19.72 -5.29 -21.66
C2 MPD D . 18.86 -4.98 -20.41
O2 MPD D . 18.13 -6.19 -20.18
CM MPD D . 17.81 -3.96 -20.74
C3 MPD D . 19.62 -4.55 -19.13
C4 MPD D . 21.15 -4.34 -19.20
O4 MPD D . 21.51 -3.18 -19.98
C5 MPD D . 21.69 -4.17 -17.78
C1 MPD E . -31.42 18.66 4.54
C2 MPD E . -30.35 18.00 5.33
O2 MPD E . -29.56 19.05 5.88
CM MPD E . -29.42 17.23 4.42
C3 MPD E . -30.89 17.20 6.50
C4 MPD E . -32.32 16.66 6.48
O4 MPD E . -32.37 15.28 6.95
C5 MPD E . -33.21 17.57 7.32
C1 MPD F . -31.92 9.24 7.22
C2 MPD F . -32.80 10.47 6.98
O2 MPD F . -32.01 11.68 7.16
CM MPD F . -33.99 10.40 7.95
C3 MPD F . -33.30 10.53 5.55
C4 MPD F . -33.88 11.87 5.09
O4 MPD F . -32.99 13.05 4.94
C5 MPD F . -34.25 11.64 3.70
O 57V G . -19.68 13.67 2.75
C1 57V G . -22.39 13.59 5.67
C8 57V G . -19.35 19.18 -3.70
C7 57V G . -19.55 18.33 -2.41
C6 57V G . -18.57 17.45 -2.14
C5 57V G . -18.68 16.52 -0.98
C4 57V G . -19.53 15.71 0.98
C3 57V G . -20.34 14.68 2.95
C2 57V G . -20.94 13.93 5.22
N1 57V G . -20.95 14.88 4.06
C9 57V G . -18.12 19.29 -4.36
C10 57V G . -18.09 20.05 -5.55
C14 57V G . -16.77 14.85 -1.75
N2 57V G . -20.38 15.73 2.07
C13 57V G . -17.81 15.34 -0.83
C12 57V G . -20.48 19.79 -4.21
C11 57V G . -19.28 20.65 -5.96
S 57V G . -18.33 14.53 0.63
N5 57V G . -15.70 14.17 -1.30
C17 57V G . -14.95 13.87 -2.41
C16 57V G . -15.62 14.29 -3.53
C15 57V G . -16.81 14.86 -3.13
N3 57V G . -19.65 16.70 0.03
N4 57V G . -20.42 20.55 -5.28
MG MG H . -34.85 0.37 25.38
MG MG I . -26.96 23.44 1.96
#